data_1M7A
#
_entry.id   1M7A
#
_cell.length_a   76.91
_cell.length_b   67.28
_cell.length_c   38.49
_cell.angle_alpha   90.00
_cell.angle_beta   93.07
_cell.angle_gamma   90.00
#
_symmetry.space_group_name_H-M   'P 1 21 1'
#
loop_
_entity.id
_entity.type
_entity.pdbx_description
1 polymer 'DIHYDROFOLATE REDUCTASE'
2 non-polymer 'NADPH DIHYDRO-NICOTINAMIDE-ADENINE-DINUCLEOTIDE PHOSPHATE'
3 non-polymer '7-[2-METHOXY-1-(METHOXYMETHYL)ETHYL]-7H-PYRROLO[3,2-F] QUINAZOLINE-1,3-DIAMINE'
4 water water
#
_entity_poly.entity_id   1
_entity_poly.type   'polypeptide(L)'
_entity_poly.pdbx_seq_one_letter_code
;MLKPNVAIIVAALKPALGIGYKGKMPWRLRKEIRYFKDVTTRTTKPNTRNAVIMGRKTWESIPQKFRPLPDRLNIILSRS
YENEIIDDNIIHASSIESSLNLVSDVERVFIIGGAEIYNELINNSLVSHLLITEIEHPSPESIEMDTFLKFPLESWTKQP
KSELQKFVGDTVLEDDIKEGDFTYNYTLWTRK
;
_entity_poly.pdbx_strand_id   A,B
#
loop_
_chem_comp.id
_chem_comp.type
_chem_comp.name
_chem_comp.formula
MQU non-polymer '7-[2-METHOXY-1-(METHOXYMETHYL)ETHYL]-7H-PYRROLO[3,2-F] QUINAZOLINE-1,3-DIAMINE' 'C15 H19 N5 O2'
NDP non-polymer 'NADPH DIHYDRO-NICOTINAMIDE-ADENINE-DINUCLEOTIDE PHOSPHATE' 'C21 H30 N7 O17 P3'
#
# COMPACT_ATOMS: atom_id res chain seq x y z
N MET A 1 -11.32 3.17 -13.18
CA MET A 1 -10.78 2.61 -11.91
C MET A 1 -9.74 3.59 -11.35
N LEU A 2 -9.90 3.99 -10.08
CA LEU A 2 -8.99 4.92 -9.42
C LEU A 2 -7.98 4.16 -8.53
N LYS A 3 -6.74 4.45 -8.72
CA LYS A 3 -5.63 3.92 -7.92
C LYS A 3 -5.77 2.52 -7.41
N PRO A 4 -5.89 1.54 -8.36
CA PRO A 4 -5.94 0.12 -8.00
C PRO A 4 -4.53 -0.33 -7.50
N ASN A 5 -4.55 -1.38 -6.72
CA ASN A 5 -3.30 -2.05 -6.32
C ASN A 5 -2.92 -2.88 -7.56
N VAL A 6 -1.69 -2.85 -7.95
CA VAL A 6 -1.25 -3.57 -9.17
C VAL A 6 -0.22 -4.63 -8.70
N ALA A 7 -0.20 -5.78 -9.36
CA ALA A 7 0.78 -6.78 -9.06
C ALA A 7 1.66 -7.07 -10.29
N ILE A 8 2.94 -7.26 -10.08
CA ILE A 8 3.82 -7.64 -11.25
C ILE A 8 3.89 -9.20 -11.12
N ILE A 9 3.81 -9.87 -12.25
CA ILE A 9 4.00 -11.38 -12.22
C ILE A 9 5.09 -11.66 -13.23
N VAL A 10 6.14 -12.37 -12.84
CA VAL A 10 7.29 -12.70 -13.71
C VAL A 10 7.97 -14.01 -13.28
N ALA A 11 8.66 -14.64 -14.22
CA ALA A 11 9.46 -15.88 -13.91
C ALA A 11 10.92 -15.51 -14.14
N ALA A 12 11.80 -15.78 -13.12
CA ALA A 12 13.24 -15.35 -13.36
C ALA A 12 14.19 -16.43 -12.79
N LEU A 13 15.31 -16.52 -13.47
CA LEU A 13 16.37 -17.48 -13.10
C LEU A 13 17.35 -16.83 -12.11
N LYS A 14 17.50 -17.52 -11.00
CA LYS A 14 18.42 -17.06 -9.95
C LYS A 14 19.86 -17.44 -10.32
N PRO A 15 20.84 -16.69 -9.85
CA PRO A 15 20.71 -15.54 -8.96
C PRO A 15 20.67 -14.19 -9.64
N ALA A 16 20.95 -14.11 -10.92
CA ALA A 16 20.99 -12.85 -11.67
C ALA A 16 19.65 -12.27 -12.04
N LEU A 17 18.64 -13.13 -11.92
CA LEU A 17 17.27 -12.70 -12.31
C LEU A 17 17.18 -12.39 -13.77
N GLY A 18 17.68 -13.38 -14.55
CA GLY A 18 17.54 -13.28 -16.03
C GLY A 18 16.12 -13.69 -16.40
N ILE A 19 15.56 -13.06 -17.38
CA ILE A 19 14.22 -13.24 -17.88
C ILE A 19 14.04 -13.46 -19.36
N GLY A 20 15.10 -13.25 -20.18
CA GLY A 20 14.88 -13.48 -21.63
C GLY A 20 16.20 -13.48 -22.38
N TYR A 21 16.01 -13.80 -23.66
CA TYR A 21 17.16 -13.86 -24.58
C TYR A 21 16.63 -13.76 -26.01
N LYS A 22 17.09 -12.70 -26.67
CA LYS A 22 16.71 -12.48 -28.07
C LYS A 22 15.23 -12.46 -28.30
N GLY A 23 14.53 -11.69 -27.45
CA GLY A 23 13.10 -11.47 -27.52
C GLY A 23 12.24 -12.64 -27.11
N LYS A 24 12.84 -13.72 -26.61
CA LYS A 24 12.11 -14.91 -26.20
C LYS A 24 12.41 -15.32 -24.77
N MET A 25 11.59 -16.25 -24.28
CA MET A 25 11.85 -16.83 -22.93
C MET A 25 12.89 -17.97 -23.13
N PRO A 26 13.86 -18.00 -22.25
CA PRO A 26 14.97 -18.93 -22.27
C PRO A 26 14.69 -20.34 -21.82
N TRP A 27 13.45 -20.67 -21.59
CA TRP A 27 12.94 -21.94 -21.08
C TRP A 27 11.51 -22.11 -21.52
N ARG A 28 11.06 -23.35 -21.37
CA ARG A 28 9.69 -23.76 -21.64
C ARG A 28 9.32 -24.63 -20.42
N LEU A 29 8.63 -24.04 -19.48
CA LEU A 29 8.20 -24.75 -18.25
C LEU A 29 6.69 -24.81 -18.39
N ARG A 30 6.21 -26.02 -18.71
CA ARG A 30 4.76 -26.24 -18.93
C ARG A 30 3.87 -25.98 -17.75
N LYS A 31 4.31 -26.38 -16.53
CA LYS A 31 3.47 -26.13 -15.37
C LYS A 31 3.46 -24.64 -15.02
N GLU A 32 4.51 -23.96 -15.22
CA GLU A 32 4.59 -22.49 -14.86
C GLU A 32 3.63 -21.72 -15.77
N ILE A 33 3.60 -22.03 -17.04
CA ILE A 33 2.66 -21.39 -17.99
C ILE A 33 1.22 -21.60 -17.49
N ARG A 34 0.88 -22.79 -17.07
CA ARG A 34 -0.44 -23.09 -16.51
C ARG A 34 -0.72 -22.29 -15.28
N TYR A 35 0.23 -22.11 -14.37
CA TYR A 35 0.07 -21.29 -13.16
C TYR A 35 -0.27 -19.81 -13.56
N PHE A 36 0.56 -19.33 -14.44
CA PHE A 36 0.42 -17.93 -15.00
C PHE A 36 -1.04 -17.80 -15.51
N LYS A 37 -1.52 -18.79 -16.28
CA LYS A 37 -2.91 -18.66 -16.80
C LYS A 37 -3.92 -18.68 -15.66
N ASP A 38 -3.80 -19.64 -14.74
CA ASP A 38 -4.76 -19.68 -13.61
C ASP A 38 -4.76 -18.44 -12.77
N VAL A 39 -3.58 -17.93 -12.39
CA VAL A 39 -3.52 -16.78 -11.48
C VAL A 39 -4.08 -15.51 -12.13
N THR A 40 -3.75 -15.31 -13.37
CA THR A 40 -4.20 -14.11 -14.10
C THR A 40 -5.63 -14.17 -14.52
N THR A 41 -6.27 -15.32 -14.59
CA THR A 41 -7.68 -15.42 -15.04
C THR A 41 -8.66 -15.48 -13.90
N ARG A 42 -8.30 -16.17 -12.80
CA ARG A 42 -9.33 -16.34 -11.71
C ARG A 42 -9.71 -15.06 -10.96
N THR A 43 -11.04 -14.99 -10.67
CA THR A 43 -11.63 -13.85 -9.94
C THR A 43 -12.61 -14.39 -8.89
N THR A 44 -12.92 -13.56 -7.92
CA THR A 44 -13.83 -13.97 -6.80
C THR A 44 -15.19 -13.33 -6.87
N LYS A 45 -15.21 -12.05 -7.19
CA LYS A 45 -16.46 -11.26 -7.40
C LYS A 45 -17.10 -11.82 -8.66
N PRO A 46 -18.38 -11.52 -8.89
CA PRO A 46 -19.19 -12.11 -9.92
C PRO A 46 -19.08 -11.83 -11.36
N ASN A 47 -19.30 -10.59 -11.76
CA ASN A 47 -19.25 -10.32 -13.25
C ASN A 47 -17.95 -9.60 -13.48
N THR A 48 -16.86 -10.20 -12.90
CA THR A 48 -15.59 -9.45 -13.09
C THR A 48 -14.58 -10.30 -13.84
N ARG A 49 -13.53 -9.62 -14.24
CA ARG A 49 -12.41 -10.22 -14.95
C ARG A 49 -11.17 -9.40 -14.49
N ASN A 50 -10.05 -10.04 -14.77
CA ASN A 50 -8.79 -9.32 -14.42
C ASN A 50 -8.26 -8.61 -15.69
N ALA A 51 -7.36 -7.68 -15.47
CA ALA A 51 -6.67 -7.01 -16.54
C ALA A 51 -5.22 -7.42 -16.61
N VAL A 52 -4.67 -7.56 -17.80
CA VAL A 52 -3.24 -7.88 -17.95
C VAL A 52 -2.61 -6.71 -18.73
N ILE A 53 -1.52 -6.20 -18.22
CA ILE A 53 -0.87 -5.05 -18.95
C ILE A 53 0.49 -5.54 -19.42
N MET A 54 0.83 -5.17 -20.66
CA MET A 54 2.12 -5.58 -21.27
C MET A 54 2.64 -4.49 -22.21
N GLY A 55 3.91 -4.52 -22.47
CA GLY A 55 4.57 -3.61 -23.45
C GLY A 55 4.27 -4.12 -24.89
N ARG A 56 4.39 -3.24 -25.86
CA ARG A 56 4.06 -3.54 -27.28
C ARG A 56 4.88 -4.73 -27.78
N LYS A 57 6.16 -4.78 -27.37
CA LYS A 57 7.01 -5.88 -27.85
C LYS A 57 6.57 -7.24 -27.37
N THR A 58 6.09 -7.35 -26.15
CA THR A 58 5.54 -8.63 -25.62
C THR A 58 4.27 -9.01 -26.39
N TRP A 59 3.39 -8.05 -26.58
CA TRP A 59 2.14 -8.28 -27.33
C TRP A 59 2.50 -8.86 -28.73
N GLU A 60 3.43 -8.21 -29.40
CA GLU A 60 3.80 -8.68 -30.73
C GLU A 60 4.40 -10.05 -30.79
N SER A 61 4.99 -10.47 -29.71
CA SER A 61 5.65 -11.80 -29.57
C SER A 61 4.67 -12.91 -29.41
N ILE A 62 3.43 -12.64 -29.09
CA ILE A 62 2.35 -13.67 -29.01
C ILE A 62 1.82 -13.81 -30.45
N PRO A 63 1.78 -15.04 -30.97
CA PRO A 63 1.27 -15.32 -32.32
C PRO A 63 -0.11 -14.69 -32.48
N GLN A 64 -0.36 -14.01 -33.59
CA GLN A 64 -1.61 -13.27 -33.78
C GLN A 64 -2.87 -14.01 -33.47
N LYS A 65 -2.92 -15.27 -33.78
CA LYS A 65 -4.00 -16.22 -33.59
C LYS A 65 -4.31 -16.44 -32.11
N PHE A 66 -3.34 -16.23 -31.25
CA PHE A 66 -3.43 -16.46 -29.81
C PHE A 66 -3.54 -15.21 -28.93
N ARG A 67 -3.80 -14.10 -29.57
CA ARG A 67 -4.03 -12.84 -28.84
C ARG A 67 -5.38 -12.31 -29.29
N PRO A 68 -6.13 -11.61 -28.46
CA PRO A 68 -5.79 -11.31 -27.07
C PRO A 68 -5.83 -12.53 -26.19
N LEU A 69 -5.10 -12.46 -25.04
CA LEU A 69 -5.23 -13.63 -24.09
C LEU A 69 -6.66 -13.67 -23.61
N PRO A 70 -7.28 -14.87 -23.70
CA PRO A 70 -8.68 -15.00 -23.41
C PRO A 70 -9.02 -14.83 -21.95
N ASP A 71 -10.26 -14.36 -21.77
CA ASP A 71 -10.87 -14.22 -20.44
C ASP A 71 -10.25 -13.12 -19.58
N ARG A 72 -9.44 -12.30 -20.19
CA ARG A 72 -8.83 -11.14 -19.47
C ARG A 72 -8.85 -9.92 -20.35
N LEU A 73 -9.00 -8.77 -19.65
CA LEU A 73 -8.89 -7.48 -20.45
C LEU A 73 -7.42 -7.27 -20.79
N ASN A 74 -7.05 -7.14 -22.06
CA ASN A 74 -5.63 -6.95 -22.40
C ASN A 74 -5.36 -5.43 -22.63
N ILE A 75 -4.34 -4.94 -21.99
CA ILE A 75 -3.92 -3.52 -22.15
C ILE A 75 -2.49 -3.54 -22.71
N ILE A 76 -2.30 -2.83 -23.83
CA ILE A 76 -0.99 -2.77 -24.45
C ILE A 76 -0.47 -1.30 -24.40
N LEU A 77 0.75 -1.16 -23.88
CA LEU A 77 1.35 0.17 -23.77
C LEU A 77 2.38 0.38 -24.88
N SER A 78 2.27 1.61 -25.42
CA SER A 78 3.22 2.08 -26.44
C SER A 78 3.23 3.64 -26.20
N ARG A 79 4.39 4.20 -26.30
CA ARG A 79 4.52 5.69 -26.19
C ARG A 79 3.88 6.39 -27.39
N SER A 80 3.63 5.68 -28.45
CA SER A 80 2.97 6.24 -29.67
C SER A 80 1.48 6.03 -29.67
N TYR A 81 0.89 5.36 -28.66
CA TYR A 81 -0.51 5.14 -28.64
C TYR A 81 -1.33 6.25 -28.00
N GLU A 82 -2.48 6.46 -28.65
CA GLU A 82 -3.50 7.35 -28.00
C GLU A 82 -4.32 6.40 -27.15
N ASN A 83 -4.95 6.91 -26.11
CA ASN A 83 -5.76 6.07 -25.18
C ASN A 83 -7.05 5.71 -25.87
N GLU A 84 -7.20 4.46 -26.28
CA GLU A 84 -8.36 4.03 -27.10
C GLU A 84 -8.81 2.62 -26.73
N ILE A 85 -10.12 2.46 -26.71
CA ILE A 85 -10.72 1.13 -26.48
C ILE A 85 -10.82 0.52 -27.89
N ILE A 86 -10.13 -0.57 -28.13
CA ILE A 86 -10.26 -1.22 -29.46
C ILE A 86 -11.53 -1.99 -29.55
N ASP A 87 -11.72 -2.94 -28.63
CA ASP A 87 -12.98 -3.73 -28.53
C ASP A 87 -13.13 -4.03 -27.01
N ASP A 88 -14.01 -4.93 -26.67
CA ASP A 88 -14.24 -5.26 -25.24
C ASP A 88 -13.03 -5.89 -24.54
N ASN A 89 -12.08 -6.41 -25.30
CA ASN A 89 -10.93 -7.13 -24.77
C ASN A 89 -9.62 -6.45 -24.90
N ILE A 90 -9.55 -5.36 -25.64
CA ILE A 90 -8.27 -4.71 -25.94
C ILE A 90 -8.41 -3.16 -25.80
N ILE A 91 -7.44 -2.68 -25.10
CA ILE A 91 -7.18 -1.25 -24.86
C ILE A 91 -5.78 -0.89 -25.26
N HIS A 92 -5.56 0.25 -25.85
CA HIS A 92 -4.24 0.82 -26.20
C HIS A 92 -4.02 2.05 -25.33
N ALA A 93 -2.85 2.20 -24.78
CA ALA A 93 -2.61 3.33 -23.84
C ALA A 93 -1.15 3.69 -23.88
N SER A 94 -0.82 4.91 -23.37
CA SER A 94 0.56 5.32 -23.32
C SER A 94 1.09 5.35 -21.86
N SER A 95 0.24 5.10 -20.89
CA SER A 95 0.68 5.06 -19.49
C SER A 95 -0.30 4.14 -18.71
N ILE A 96 0.31 3.52 -17.71
CA ILE A 96 -0.51 2.56 -16.88
C ILE A 96 -1.70 3.24 -16.31
N GLU A 97 -1.51 4.44 -15.73
CA GLU A 97 -2.62 5.12 -15.08
C GLU A 97 -3.71 5.63 -16.01
N SER A 98 -3.36 6.11 -17.18
CA SER A 98 -4.37 6.56 -18.17
C SER A 98 -5.22 5.37 -18.62
N SER A 99 -4.55 4.21 -18.76
CA SER A 99 -5.27 3.01 -19.21
C SER A 99 -6.39 2.60 -18.24
N LEU A 100 -6.05 2.68 -16.95
CA LEU A 100 -6.99 2.29 -15.88
C LEU A 100 -8.22 3.15 -15.80
N ASN A 101 -8.13 4.38 -16.26
CA ASN A 101 -9.30 5.29 -16.27
C ASN A 101 -10.35 4.79 -17.24
N LEU A 102 -9.93 3.99 -18.22
CA LEU A 102 -10.81 3.44 -19.23
C LEU A 102 -11.49 2.12 -18.86
N VAL A 103 -11.16 1.60 -17.69
CA VAL A 103 -11.69 0.30 -17.28
C VAL A 103 -12.69 0.40 -16.14
N SER A 104 -13.59 -0.59 -16.15
CA SER A 104 -14.58 -0.84 -15.08
C SER A 104 -14.83 -2.37 -14.97
N ASP A 105 -15.32 -2.82 -13.83
CA ASP A 105 -15.63 -4.25 -13.64
C ASP A 105 -14.39 -5.16 -13.79
N VAL A 106 -13.27 -4.66 -13.28
CA VAL A 106 -12.00 -5.38 -13.22
C VAL A 106 -11.75 -5.64 -11.73
N GLU A 107 -11.31 -6.86 -11.42
CA GLU A 107 -11.00 -7.25 -10.04
C GLU A 107 -9.52 -6.98 -9.75
N ARG A 108 -8.63 -7.72 -10.37
CA ARG A 108 -7.19 -7.43 -10.21
C ARG A 108 -6.50 -7.03 -11.49
N VAL A 109 -5.36 -6.36 -11.29
CA VAL A 109 -4.55 -5.86 -12.42
C VAL A 109 -3.15 -6.48 -12.32
N PHE A 110 -2.65 -7.04 -13.43
CA PHE A 110 -1.33 -7.68 -13.43
C PHE A 110 -0.47 -7.03 -14.54
N ILE A 111 0.74 -6.78 -14.19
CA ILE A 111 1.75 -6.36 -15.21
C ILE A 111 2.42 -7.70 -15.63
N ILE A 112 2.38 -8.00 -16.91
CA ILE A 112 2.94 -9.28 -17.39
C ILE A 112 4.19 -9.21 -18.22
N GLY A 113 4.84 -8.09 -18.34
CA GLY A 113 6.13 -7.99 -19.07
C GLY A 113 6.06 -6.93 -20.15
N GLY A 114 7.15 -6.69 -20.87
CA GLY A 114 8.43 -7.36 -20.76
C GLY A 114 9.41 -6.56 -19.93
N ALA A 115 10.71 -6.77 -20.21
CA ALA A 115 11.74 -6.15 -19.35
C ALA A 115 11.67 -4.66 -19.13
N GLU A 116 11.46 -3.93 -20.21
CA GLU A 116 11.39 -2.45 -20.09
C GLU A 116 10.25 -2.07 -19.20
N ILE A 117 9.07 -2.63 -19.43
CA ILE A 117 7.89 -2.39 -18.56
C ILE A 117 8.19 -2.71 -17.10
N TYR A 118 8.72 -3.91 -16.87
CA TYR A 118 9.06 -4.32 -15.48
C TYR A 118 10.01 -3.40 -14.73
N ASN A 119 11.10 -3.08 -15.36
CA ASN A 119 12.20 -2.29 -14.83
C ASN A 119 11.81 -0.83 -14.54
N GLU A 120 10.83 -0.39 -15.26
CA GLU A 120 10.32 1.01 -15.10
C GLU A 120 9.17 1.04 -14.11
N LEU A 121 8.19 0.18 -14.23
CA LEU A 121 7.01 0.14 -13.35
C LEU A 121 7.22 -0.37 -11.96
N ILE A 122 8.37 -1.01 -11.69
CA ILE A 122 8.65 -1.49 -10.31
C ILE A 122 8.75 -0.28 -9.36
N ASN A 123 9.15 0.86 -9.96
CA ASN A 123 9.29 2.08 -9.15
C ASN A 123 8.01 2.90 -9.11
N ASN A 124 6.92 2.40 -9.57
CA ASN A 124 5.62 3.17 -9.52
C ASN A 124 4.89 2.70 -8.25
N SER A 125 4.44 3.66 -7.43
CA SER A 125 3.80 3.27 -6.14
C SER A 125 2.50 2.52 -6.25
N LEU A 126 1.88 2.43 -7.43
CA LEU A 126 0.68 1.60 -7.63
C LEU A 126 1.05 0.10 -7.46
N VAL A 127 2.27 -0.27 -7.78
CA VAL A 127 2.71 -1.69 -7.65
C VAL A 127 2.88 -2.02 -6.17
N SER A 128 2.05 -2.95 -5.71
CA SER A 128 2.00 -3.31 -4.29
C SER A 128 2.46 -4.75 -4.03
N HIS A 129 2.47 -5.60 -5.05
CA HIS A 129 2.74 -7.02 -4.98
C HIS A 129 3.56 -7.54 -6.15
N LEU A 130 4.58 -8.36 -5.83
CA LEU A 130 5.40 -9.03 -6.82
C LEU A 130 5.14 -10.56 -6.68
N LEU A 131 4.76 -11.17 -7.75
CA LEU A 131 4.59 -12.65 -7.84
C LEU A 131 5.76 -13.08 -8.72
N ILE A 132 6.81 -13.63 -8.04
CA ILE A 132 8.04 -14.02 -8.70
C ILE A 132 8.18 -15.54 -8.66
N THR A 133 8.27 -16.09 -9.86
CA THR A 133 8.58 -17.57 -9.88
C THR A 133 10.13 -17.67 -9.83
N GLU A 134 10.64 -18.22 -8.75
CA GLU A 134 12.12 -18.28 -8.63
C GLU A 134 12.63 -19.57 -9.18
N ILE A 135 13.33 -19.50 -10.27
CA ILE A 135 13.85 -20.61 -11.04
C ILE A 135 15.34 -20.85 -10.65
N GLU A 136 15.60 -22.15 -10.52
CA GLU A 136 17.04 -22.53 -10.20
C GLU A 136 17.50 -23.59 -11.16
N HIS A 137 18.81 -23.54 -11.45
CA HIS A 137 19.44 -24.51 -12.39
C HIS A 137 20.84 -24.80 -11.83
N PRO A 138 21.35 -25.99 -12.10
CA PRO A 138 22.69 -26.34 -11.60
C PRO A 138 23.80 -25.51 -12.24
N SER A 139 23.58 -25.03 -13.44
CA SER A 139 24.60 -24.24 -14.19
C SER A 139 23.95 -23.08 -14.93
N PRO A 140 23.54 -22.07 -14.18
CA PRO A 140 22.82 -20.90 -14.70
C PRO A 140 23.60 -20.18 -15.77
N GLU A 141 24.93 -20.30 -15.61
CA GLU A 141 25.90 -19.70 -16.52
C GLU A 141 25.88 -20.28 -17.91
N SER A 142 25.29 -21.45 -18.08
CA SER A 142 25.19 -22.10 -19.40
C SER A 142 23.93 -21.68 -20.14
N ILE A 143 23.04 -21.03 -19.41
CA ILE A 143 21.78 -20.54 -20.07
C ILE A 143 22.08 -19.15 -20.61
N GLU A 144 21.95 -19.02 -21.92
CA GLU A 144 22.18 -17.72 -22.58
C GLU A 144 21.01 -16.79 -22.29
N MET A 145 21.42 -15.63 -21.81
CA MET A 145 20.47 -14.59 -21.36
C MET A 145 21.08 -13.20 -21.64
N ASP A 146 20.20 -12.34 -22.04
CA ASP A 146 20.55 -10.95 -22.38
C ASP A 146 19.69 -9.91 -21.68
N THR A 147 18.66 -10.30 -20.98
CA THR A 147 17.67 -9.35 -20.39
C THR A 147 17.44 -9.71 -18.93
N PHE A 148 17.49 -8.74 -18.03
CA PHE A 148 17.46 -9.01 -16.61
C PHE A 148 16.59 -8.01 -15.84
N LEU A 149 16.12 -8.53 -14.69
CA LEU A 149 15.33 -7.66 -13.82
C LEU A 149 16.34 -6.78 -13.07
N LYS A 150 15.90 -5.60 -12.86
CA LYS A 150 16.63 -4.60 -12.05
C LYS A 150 15.67 -4.10 -10.97
N PHE A 151 15.39 -5.00 -10.02
CA PHE A 151 14.50 -4.75 -8.91
C PHE A 151 15.27 -4.50 -7.59
N PRO A 152 14.83 -3.44 -6.92
CA PRO A 152 15.49 -3.11 -5.59
C PRO A 152 14.84 -3.93 -4.50
N LEU A 153 15.19 -5.22 -4.47
CA LEU A 153 14.51 -6.14 -3.53
C LEU A 153 14.80 -5.87 -2.08
N GLU A 154 15.78 -5.01 -1.81
CA GLU A 154 16.07 -4.64 -0.41
C GLU A 154 14.95 -3.85 0.18
N SER A 155 14.06 -3.27 -0.69
CA SER A 155 12.89 -2.52 -0.20
C SER A 155 11.63 -3.39 -0.12
N TRP A 156 11.81 -4.69 -0.38
CA TRP A 156 10.61 -5.59 -0.39
C TRP A 156 10.81 -6.76 0.58
N THR A 157 9.71 -7.32 1.01
CA THR A 157 9.75 -8.48 1.93
C THR A 157 9.13 -9.72 1.24
N LYS A 158 9.93 -10.84 1.34
CA LYS A 158 9.36 -12.09 0.80
C LYS A 158 8.42 -12.67 1.84
N GLN A 159 7.15 -12.88 1.49
CA GLN A 159 6.19 -13.42 2.47
C GLN A 159 6.28 -14.95 2.56
N PRO A 160 5.70 -15.47 3.66
CA PRO A 160 5.60 -16.95 3.81
C PRO A 160 4.60 -17.48 2.77
N LYS A 161 4.75 -18.79 2.50
CA LYS A 161 3.83 -19.43 1.53
C LYS A 161 2.38 -19.25 1.91
N SER A 162 2.00 -19.16 3.17
CA SER A 162 0.66 -18.99 3.60
C SER A 162 0.01 -17.74 2.97
N GLU A 163 0.80 -16.70 2.92
CA GLU A 163 0.34 -15.40 2.31
C GLU A 163 0.14 -15.54 0.84
N LEU A 164 1.02 -16.26 0.13
CA LEU A 164 0.81 -16.51 -1.28
C LEU A 164 -0.46 -17.31 -1.51
N GLN A 165 -0.63 -18.36 -0.72
CA GLN A 165 -1.84 -19.22 -0.88
C GLN A 165 -3.09 -18.41 -0.74
N LYS A 166 -3.08 -17.49 0.23
CA LYS A 166 -4.26 -16.63 0.45
C LYS A 166 -4.47 -15.72 -0.78
N PHE A 167 -3.38 -15.26 -1.33
CA PHE A 167 -3.41 -14.42 -2.57
C PHE A 167 -4.03 -15.16 -3.72
N VAL A 168 -3.55 -16.37 -4.02
CA VAL A 168 -4.04 -17.16 -5.15
C VAL A 168 -5.35 -17.86 -4.95
N GLY A 169 -5.83 -17.97 -3.73
CA GLY A 169 -7.10 -18.66 -3.43
C GLY A 169 -7.01 -20.14 -3.60
N ASP A 170 -7.81 -20.72 -4.49
CA ASP A 170 -7.93 -22.08 -4.87
C ASP A 170 -6.77 -22.74 -5.62
N THR A 171 -5.97 -21.98 -6.31
CA THR A 171 -4.85 -22.54 -7.11
C THR A 171 -3.92 -23.42 -6.26
N VAL A 172 -3.61 -24.58 -6.82
CA VAL A 172 -2.70 -25.56 -6.24
C VAL A 172 -1.26 -25.05 -6.43
N LEU A 173 -0.55 -24.99 -5.31
CA LEU A 173 0.84 -24.59 -5.28
C LEU A 173 1.76 -25.74 -4.81
N GLU A 174 2.37 -26.34 -5.80
CA GLU A 174 3.35 -27.43 -5.60
C GLU A 174 4.67 -26.75 -5.29
N ASP A 175 5.49 -27.46 -4.52
CA ASP A 175 6.81 -27.01 -4.08
C ASP A 175 7.91 -27.70 -4.87
N ASP A 176 9.04 -27.03 -5.04
CA ASP A 176 10.20 -27.56 -5.76
C ASP A 176 9.83 -28.30 -7.02
N ILE A 177 9.13 -27.58 -7.90
CA ILE A 177 8.69 -28.19 -9.19
C ILE A 177 9.92 -28.38 -10.06
N LYS A 178 10.02 -29.60 -10.63
CA LYS A 178 11.16 -29.90 -11.52
C LYS A 178 10.69 -30.18 -12.91
N GLU A 179 11.37 -29.57 -13.85
CA GLU A 179 11.09 -29.74 -15.29
C GLU A 179 12.46 -29.70 -15.97
N GLY A 180 12.90 -30.93 -16.32
CA GLY A 180 14.26 -31.04 -16.93
C GLY A 180 15.26 -30.67 -15.85
N ASP A 181 16.18 -29.76 -16.18
CA ASP A 181 17.19 -29.40 -15.13
C ASP A 181 16.74 -28.24 -14.27
N PHE A 182 15.58 -27.66 -14.53
CA PHE A 182 15.12 -26.50 -13.71
C PHE A 182 14.25 -26.95 -12.53
N THR A 183 14.39 -26.23 -11.44
CA THR A 183 13.66 -26.39 -10.20
C THR A 183 13.07 -24.97 -9.86
N TYR A 184 11.79 -24.98 -9.58
CA TYR A 184 11.17 -23.65 -9.30
C TYR A 184 10.09 -23.67 -8.24
N ASN A 185 9.93 -22.48 -7.63
CA ASN A 185 8.99 -22.21 -6.59
C ASN A 185 8.26 -20.85 -6.86
N TYR A 186 7.05 -20.81 -6.42
CA TYR A 186 6.24 -19.54 -6.51
C TYR A 186 6.45 -18.72 -5.25
N THR A 187 6.59 -17.37 -5.39
CA THR A 187 6.77 -16.53 -4.21
C THR A 187 5.93 -15.26 -4.31
N LEU A 188 5.68 -14.66 -3.17
CA LEU A 188 4.96 -13.37 -3.07
C LEU A 188 5.86 -12.39 -2.29
N TRP A 189 5.89 -11.15 -2.77
CA TRP A 189 6.72 -10.11 -2.06
C TRP A 189 5.85 -8.88 -1.83
N THR A 190 5.99 -8.14 -0.76
CA THR A 190 5.24 -6.88 -0.57
C THR A 190 6.26 -5.83 -0.12
N ARG A 191 5.83 -4.58 -0.18
CA ARG A 191 6.79 -3.50 0.14
C ARG A 191 6.97 -3.40 1.67
N LYS A 192 8.19 -3.10 2.06
CA LYS A 192 8.49 -2.80 3.48
C LYS A 192 7.89 -1.43 3.85
N MET B 1 12.17 6.93 -5.90
CA MET B 1 10.70 6.91 -5.81
C MET B 1 10.30 7.99 -4.80
N LEU B 2 9.32 8.78 -5.21
CA LEU B 2 8.86 9.87 -4.26
C LEU B 2 7.92 9.14 -3.27
N LYS B 3 8.09 9.55 -2.02
CA LYS B 3 7.25 8.95 -0.96
C LYS B 3 6.62 10.12 -0.16
N PRO B 4 5.42 9.88 0.36
CA PRO B 4 4.76 10.83 1.27
C PRO B 4 5.47 10.89 2.65
N ASN B 5 5.20 11.96 3.34
CA ASN B 5 5.72 12.19 4.73
C ASN B 5 4.54 11.86 5.65
N VAL B 6 4.73 10.76 6.37
CA VAL B 6 3.61 10.17 7.19
C VAL B 6 4.01 10.03 8.67
N ALA B 7 3.07 10.37 9.49
CA ALA B 7 3.17 10.29 10.93
C ALA B 7 1.87 9.76 11.51
N ILE B 8 2.00 9.01 12.59
CA ILE B 8 0.82 8.54 13.40
C ILE B 8 0.67 9.60 14.51
N ILE B 9 -0.56 9.94 14.80
CA ILE B 9 -0.80 10.84 15.97
C ILE B 9 -1.85 10.11 16.79
N VAL B 10 -1.60 10.02 18.09
CA VAL B 10 -2.49 9.33 19.04
C VAL B 10 -2.29 9.86 20.47
N ALA B 11 -3.37 9.69 21.28
CA ALA B 11 -3.36 10.06 22.72
C ALA B 11 -3.63 8.75 23.49
N ALA B 12 -2.76 8.39 24.44
CA ALA B 12 -2.89 7.09 25.15
C ALA B 12 -2.57 7.23 26.65
N LEU B 13 -3.24 6.35 27.38
CA LEU B 13 -3.09 6.35 28.86
C LEU B 13 -2.03 5.33 29.23
N LYS B 14 -1.07 5.82 29.98
CA LYS B 14 0.01 5.00 30.49
C LYS B 14 -0.50 4.31 31.77
N PRO B 15 0.06 3.16 32.07
CA PRO B 15 1.14 2.50 31.37
C PRO B 15 0.77 1.54 30.26
N ALA B 16 -0.50 1.17 30.19
CA ALA B 16 -0.95 0.16 29.23
C ALA B 16 -1.21 0.67 27.84
N LEU B 17 -1.15 1.98 27.64
CA LEU B 17 -1.39 2.52 26.28
C LEU B 17 -2.79 2.26 25.76
N GLY B 18 -3.76 2.50 26.64
CA GLY B 18 -5.19 2.38 26.28
C GLY B 18 -5.60 3.62 25.49
N ILE B 19 -6.39 3.37 24.45
CA ILE B 19 -6.87 4.46 23.59
C ILE B 19 -8.35 4.56 23.43
N GLY B 20 -9.16 3.60 23.93
CA GLY B 20 -10.61 3.77 23.64
C GLY B 20 -11.45 2.78 24.44
N TYR B 21 -12.75 3.11 24.44
CA TYR B 21 -13.71 2.25 25.14
C TYR B 21 -15.06 2.36 24.44
N LYS B 22 -15.52 1.19 24.02
CA LYS B 22 -16.84 1.13 23.31
C LYS B 22 -16.98 2.15 22.22
N GLY B 23 -15.97 2.26 21.36
CA GLY B 23 -16.02 3.19 20.24
C GLY B 23 -15.79 4.64 20.49
N LYS B 24 -15.49 5.03 21.71
CA LYS B 24 -15.26 6.49 21.99
C LYS B 24 -13.98 6.63 22.76
N MET B 25 -13.55 7.89 22.95
CA MET B 25 -12.28 8.02 23.80
C MET B 25 -12.71 8.10 25.25
N PRO B 26 -11.90 7.53 26.15
CA PRO B 26 -12.20 7.46 27.57
C PRO B 26 -12.04 8.75 28.34
N TRP B 27 -11.75 9.84 27.69
CA TRP B 27 -11.52 11.17 28.30
C TRP B 27 -11.96 12.28 27.37
N ARG B 28 -12.11 13.48 27.93
CA ARG B 28 -12.47 14.67 27.09
C ARG B 28 -11.45 15.74 27.57
N LEU B 29 -10.41 15.90 26.76
CA LEU B 29 -9.33 16.83 27.19
C LEU B 29 -9.36 17.98 26.17
N ARG B 30 -9.73 19.11 26.69
CA ARG B 30 -9.90 20.31 25.85
C ARG B 30 -8.67 20.80 25.15
N LYS B 31 -7.59 20.90 25.90
CA LYS B 31 -6.31 21.39 25.34
C LYS B 31 -5.75 20.35 24.34
N GLU B 32 -5.90 19.07 24.66
CA GLU B 32 -5.45 17.96 23.84
C GLU B 32 -6.13 17.99 22.46
N ILE B 33 -7.42 18.18 22.43
CA ILE B 33 -8.20 18.27 21.15
C ILE B 33 -7.71 19.46 20.34
N ARG B 34 -7.39 20.56 21.01
CA ARG B 34 -6.88 21.76 20.29
C ARG B 34 -5.51 21.52 19.72
N TYR B 35 -4.62 20.83 20.46
CA TYR B 35 -3.28 20.50 19.88
C TYR B 35 -3.48 19.63 18.65
N PHE B 36 -4.32 18.60 18.73
CA PHE B 36 -4.60 17.72 17.59
C PHE B 36 -5.04 18.57 16.38
N LYS B 37 -5.96 19.45 16.59
CA LYS B 37 -6.45 20.32 15.44
C LYS B 37 -5.27 21.14 14.91
N ASP B 38 -4.56 21.83 15.78
CA ASP B 38 -3.43 22.69 15.33
C ASP B 38 -2.36 21.94 14.57
N VAL B 39 -1.90 20.79 15.13
CA VAL B 39 -0.81 20.06 14.49
C VAL B 39 -1.27 19.40 13.18
N THR B 40 -2.48 18.89 13.14
CA THR B 40 -2.90 18.29 11.79
C THR B 40 -3.22 19.31 10.74
N THR B 41 -3.54 20.56 11.08
CA THR B 41 -3.94 21.58 10.11
C THR B 41 -2.76 22.41 9.65
N ARG B 42 -1.81 22.67 10.53
CA ARG B 42 -0.68 23.60 10.18
C ARG B 42 0.13 23.08 9.02
N THR B 43 0.52 24.01 8.14
CA THR B 43 1.40 23.77 7.01
C THR B 43 2.51 24.83 7.00
N THR B 44 3.54 24.60 6.23
CA THR B 44 4.66 25.59 6.19
C THR B 44 4.34 26.76 5.27
N LYS B 45 3.41 26.62 4.39
CA LYS B 45 3.04 27.73 3.48
C LYS B 45 1.55 27.82 3.31
N PRO B 46 1.06 29.04 3.02
CA PRO B 46 -0.35 29.26 2.83
C PRO B 46 -0.79 28.50 1.55
N ASN B 47 -2.07 28.34 1.49
CA ASN B 47 -2.71 27.71 0.30
C ASN B 47 -2.23 26.29 0.06
N THR B 48 -1.85 25.64 1.17
CA THR B 48 -1.49 24.19 1.17
C THR B 48 -2.24 23.51 2.29
N ARG B 49 -2.31 22.14 2.24
CA ARG B 49 -3.07 21.45 3.35
C ARG B 49 -2.45 20.08 3.61
N ASN B 50 -2.86 19.45 4.71
CA ASN B 50 -2.41 18.06 4.99
C ASN B 50 -3.58 17.11 4.79
N ALA B 51 -3.29 15.81 4.87
CA ALA B 51 -4.34 14.78 4.84
C ALA B 51 -4.44 14.09 6.22
N VAL B 52 -5.62 13.59 6.54
CA VAL B 52 -5.85 12.75 7.72
C VAL B 52 -6.47 11.44 7.18
N ILE B 53 -5.88 10.36 7.58
CA ILE B 53 -6.40 8.99 7.16
C ILE B 53 -6.97 8.34 8.41
N MET B 54 -8.19 7.76 8.23
CA MET B 54 -8.82 7.11 9.42
C MET B 54 -9.63 5.91 8.94
N GLY B 55 -9.95 5.08 9.91
CA GLY B 55 -10.80 3.92 9.65
C GLY B 55 -12.26 4.39 9.69
N ARG B 56 -13.12 3.52 9.15
CA ARG B 56 -14.58 3.84 9.09
C ARG B 56 -15.18 4.02 10.46
N LYS B 57 -14.76 3.21 11.46
CA LYS B 57 -15.34 3.36 12.79
C LYS B 57 -15.04 4.69 13.42
N THR B 58 -13.83 5.22 13.21
CA THR B 58 -13.47 6.55 13.74
C THR B 58 -14.33 7.63 12.98
N TRP B 59 -14.34 7.50 11.67
CA TRP B 59 -15.18 8.54 10.91
C TRP B 59 -16.59 8.59 11.47
N GLU B 60 -17.22 7.45 11.58
CA GLU B 60 -18.61 7.34 12.05
C GLU B 60 -18.84 7.79 13.44
N SER B 61 -17.82 7.89 14.27
CA SER B 61 -17.90 8.41 15.62
C SER B 61 -17.90 9.92 15.70
N ILE B 62 -17.59 10.59 14.60
CA ILE B 62 -17.60 12.08 14.57
C ILE B 62 -19.07 12.41 14.14
N PRO B 63 -19.69 13.28 14.89
CA PRO B 63 -21.10 13.70 14.59
C PRO B 63 -21.14 14.24 13.17
N GLN B 64 -22.15 13.94 12.39
CA GLN B 64 -22.22 14.42 11.00
C GLN B 64 -22.05 15.90 10.73
N LYS B 65 -22.38 16.78 11.68
CA LYS B 65 -22.28 18.24 11.43
C LYS B 65 -20.81 18.71 11.52
N PHE B 66 -20.00 17.81 12.12
CA PHE B 66 -18.60 18.09 12.35
C PHE B 66 -17.64 17.42 11.39
N ARG B 67 -18.19 16.78 10.39
CA ARG B 67 -17.26 16.10 9.39
C ARG B 67 -17.61 16.66 8.05
N PRO B 68 -16.68 16.74 7.11
CA PRO B 68 -15.27 16.34 7.25
C PRO B 68 -14.57 17.24 8.26
N LEU B 69 -13.41 16.76 8.79
CA LEU B 69 -12.57 17.64 9.66
C LEU B 69 -12.11 18.81 8.78
N PRO B 70 -12.37 20.03 9.16
CA PRO B 70 -12.08 21.18 8.29
C PRO B 70 -10.62 21.39 7.99
N ASP B 71 -10.34 21.94 6.83
CA ASP B 71 -9.00 22.39 6.39
C ASP B 71 -8.00 21.30 6.10
N ARG B 72 -8.53 20.07 6.04
CA ARG B 72 -7.64 18.93 5.75
C ARG B 72 -8.39 17.99 4.79
N LEU B 73 -7.53 17.28 4.04
CA LEU B 73 -8.13 16.22 3.17
C LEU B 73 -8.48 15.04 4.09
N ASN B 74 -9.68 14.53 3.99
CA ASN B 74 -10.13 13.40 4.84
C ASN B 74 -10.20 12.14 3.98
N ILE B 75 -9.47 11.09 4.40
CA ILE B 75 -9.48 9.81 3.67
C ILE B 75 -9.99 8.74 4.68
N ILE B 76 -11.02 8.06 4.20
CA ILE B 76 -11.66 7.04 5.13
C ILE B 76 -11.54 5.67 4.47
N LEU B 77 -11.18 4.70 5.27
CA LEU B 77 -10.93 3.33 4.81
C LEU B 77 -12.07 2.39 5.19
N SER B 78 -12.50 1.58 4.26
CA SER B 78 -13.50 0.51 4.55
C SER B 78 -13.20 -0.58 3.52
N ARG B 79 -13.29 -1.82 3.95
CA ARG B 79 -13.11 -2.95 3.05
C ARG B 79 -14.28 -3.05 2.07
N SER B 80 -15.33 -2.31 2.27
CA SER B 80 -16.52 -2.29 1.43
C SER B 80 -16.55 -1.17 0.40
N TYR B 81 -15.56 -0.28 0.46
CA TYR B 81 -15.55 0.86 -0.44
C TYR B 81 -14.83 0.55 -1.72
N GLU B 82 -15.23 1.32 -2.72
CA GLU B 82 -14.45 1.39 -3.99
C GLU B 82 -13.70 2.74 -3.85
N ASN B 83 -12.49 2.79 -4.34
CA ASN B 83 -11.71 4.06 -4.31
C ASN B 83 -12.54 5.14 -5.02
N GLU B 84 -12.88 6.19 -4.33
CA GLU B 84 -13.72 7.25 -4.91
C GLU B 84 -13.45 8.61 -4.32
N ILE B 85 -13.32 9.60 -5.22
CA ILE B 85 -13.17 10.99 -4.68
C ILE B 85 -14.60 11.54 -4.53
N ILE B 86 -15.09 11.78 -3.35
CA ILE B 86 -16.48 12.28 -3.18
C ILE B 86 -16.55 13.73 -3.58
N ASP B 87 -15.68 14.47 -2.92
CA ASP B 87 -15.54 15.95 -3.17
C ASP B 87 -14.07 16.33 -2.89
N ASP B 88 -13.81 17.64 -2.84
CA ASP B 88 -12.46 18.13 -2.64
C ASP B 88 -11.92 17.74 -1.22
N ASN B 89 -12.78 17.49 -0.29
CA ASN B 89 -12.43 17.19 1.10
C ASN B 89 -12.54 15.77 1.57
N ILE B 90 -13.25 14.93 0.81
CA ILE B 90 -13.47 13.55 1.26
C ILE B 90 -13.11 12.55 0.20
N ILE B 91 -12.35 11.50 0.55
CA ILE B 91 -12.02 10.43 -0.36
C ILE B 91 -12.33 9.07 0.36
N HIS B 92 -12.85 8.14 -0.37
CA HIS B 92 -13.06 6.73 0.17
C HIS B 92 -12.00 5.86 -0.46
N ALA B 93 -11.29 5.06 0.35
CA ALA B 93 -10.20 4.17 -0.08
C ALA B 93 -10.53 2.73 0.42
N SER B 94 -10.20 1.75 -0.45
CA SER B 94 -10.55 0.36 -0.16
C SER B 94 -9.36 -0.39 0.45
N SER B 95 -8.20 0.24 0.53
CA SER B 95 -7.04 -0.45 1.14
C SER B 95 -6.02 0.52 1.66
N ILE B 96 -5.12 0.06 2.59
CA ILE B 96 -4.07 0.99 3.03
C ILE B 96 -3.21 1.52 1.88
N GLU B 97 -2.78 0.63 0.99
CA GLU B 97 -1.98 1.00 -0.19
C GLU B 97 -2.63 2.02 -1.09
N SER B 98 -3.93 1.88 -1.32
CA SER B 98 -4.64 2.90 -2.14
C SER B 98 -4.64 4.24 -1.40
N SER B 99 -4.84 4.17 -0.07
CA SER B 99 -4.89 5.38 0.74
C SER B 99 -3.61 6.22 0.57
N LEU B 100 -2.46 5.55 0.56
CA LEU B 100 -1.17 6.24 0.48
C LEU B 100 -0.82 6.63 -0.93
N ASN B 101 -1.68 6.27 -1.85
CA ASN B 101 -1.58 6.64 -3.27
C ASN B 101 -2.57 7.78 -3.59
N LEU B 102 -3.32 8.25 -2.62
CA LEU B 102 -4.35 9.29 -2.80
C LEU B 102 -4.01 10.59 -2.08
N VAL B 103 -2.71 10.77 -1.78
CA VAL B 103 -2.27 11.99 -1.06
C VAL B 103 -1.26 12.82 -1.83
N SER B 104 -1.41 12.90 -3.16
CA SER B 104 -0.42 13.58 -4.00
C SER B 104 -0.46 15.12 -3.90
N ASP B 105 -1.55 15.67 -3.44
CA ASP B 105 -1.74 17.11 -3.34
C ASP B 105 -1.54 17.69 -1.97
N VAL B 106 -0.98 16.96 -0.99
CA VAL B 106 -0.83 17.50 0.38
C VAL B 106 0.63 17.54 0.84
N GLU B 107 0.82 18.26 1.93
CA GLU B 107 2.15 18.42 2.54
C GLU B 107 2.46 17.24 3.45
N ARG B 108 1.80 17.00 4.52
CA ARG B 108 2.05 15.86 5.44
C ARG B 108 0.78 14.99 5.47
N VAL B 109 0.97 13.76 5.86
CA VAL B 109 -0.14 12.79 5.98
C VAL B 109 -0.18 12.37 7.46
N PHE B 110 -1.29 12.47 8.11
CA PHE B 110 -1.42 12.02 9.52
C PHE B 110 -2.35 10.79 9.59
N ILE B 111 -1.92 9.73 10.29
CA ILE B 111 -2.83 8.58 10.48
C ILE B 111 -3.51 8.90 11.82
N ILE B 112 -4.80 9.05 11.85
CA ILE B 112 -5.48 9.53 13.05
C ILE B 112 -6.26 8.51 13.83
N GLY B 113 -6.15 7.22 13.39
CA GLY B 113 -6.95 6.22 14.15
C GLY B 113 -7.91 5.43 13.28
N GLY B 114 -8.55 4.38 13.83
CA GLY B 114 -8.44 3.95 15.25
C GLY B 114 -7.45 2.79 15.39
N ALA B 115 -7.70 1.95 16.42
CA ALA B 115 -6.80 0.85 16.76
C ALA B 115 -6.33 -0.02 15.65
N GLU B 116 -7.34 -0.48 14.86
CA GLU B 116 -7.02 -1.40 13.76
C GLU B 116 -6.06 -0.75 12.78
N ILE B 117 -6.40 0.54 12.41
CA ILE B 117 -5.51 1.26 11.49
C ILE B 117 -4.10 1.44 12.05
N TYR B 118 -3.99 1.85 13.32
CA TYR B 118 -2.66 2.06 13.92
C TYR B 118 -1.81 0.79 13.85
N ASN B 119 -2.46 -0.28 14.21
CA ASN B 119 -1.83 -1.62 14.25
C ASN B 119 -1.38 -2.05 12.91
N GLU B 120 -2.09 -1.70 11.83
CA GLU B 120 -1.71 -2.05 10.48
C GLU B 120 -0.57 -1.19 9.94
N LEU B 121 -0.50 0.04 10.45
CA LEU B 121 0.45 1.02 9.95
C LEU B 121 1.76 1.19 10.63
N ILE B 122 1.84 0.71 11.89
CA ILE B 122 3.04 0.91 12.71
C ILE B 122 4.31 0.33 12.14
N ASN B 123 4.19 -0.79 11.45
CA ASN B 123 5.33 -1.44 10.81
C ASN B 123 5.60 -1.02 9.37
N ASN B 124 4.86 -0.05 8.87
CA ASN B 124 5.03 0.45 7.48
C ASN B 124 6.21 1.39 7.42
N SER B 125 7.17 1.13 6.56
CA SER B 125 8.40 1.98 6.45
C SER B 125 8.12 3.40 6.09
N LEU B 126 6.95 3.71 5.57
CA LEU B 126 6.54 5.07 5.25
C LEU B 126 6.27 5.90 6.52
N VAL B 127 5.89 5.26 7.60
CA VAL B 127 5.62 5.99 8.87
C VAL B 127 6.95 6.29 9.54
N SER B 128 7.30 7.60 9.61
CA SER B 128 8.63 7.92 10.19
C SER B 128 8.58 8.65 11.50
N HIS B 129 7.40 9.05 11.94
CA HIS B 129 7.17 9.72 13.22
C HIS B 129 5.95 9.20 13.96
N LEU B 130 6.01 9.14 15.31
CA LEU B 130 4.86 8.85 16.16
C LEU B 130 4.74 10.09 17.04
N LEU B 131 3.57 10.70 17.06
CA LEU B 131 3.35 11.88 17.97
C LEU B 131 2.37 11.31 19.03
N ILE B 132 2.92 10.99 20.22
CA ILE B 132 2.09 10.36 21.23
C ILE B 132 1.88 11.34 22.38
N THR B 133 0.61 11.55 22.70
CA THR B 133 0.31 12.36 23.92
C THR B 133 0.27 11.27 25.03
N GLU B 134 1.25 11.36 25.91
CA GLU B 134 1.33 10.39 27.04
C GLU B 134 0.52 10.93 28.21
N ILE B 135 -0.57 10.21 28.48
CA ILE B 135 -1.47 10.71 29.58
C ILE B 135 -1.23 9.87 30.85
N GLU B 136 -1.33 10.55 31.97
CA GLU B 136 -1.17 9.82 33.28
C GLU B 136 -2.33 10.24 34.18
N HIS B 137 -2.64 9.28 35.05
CA HIS B 137 -3.79 9.47 36.00
C HIS B 137 -3.38 8.73 37.28
N PRO B 138 -3.83 9.23 38.41
CA PRO B 138 -3.44 8.58 39.71
C PRO B 138 -3.92 7.16 39.87
N SER B 139 -4.98 6.71 39.25
CA SER B 139 -5.45 5.32 39.32
C SER B 139 -6.01 4.90 37.97
N PRO B 140 -5.09 4.66 37.05
CA PRO B 140 -5.42 4.29 35.67
C PRO B 140 -6.37 3.15 35.49
N GLU B 141 -6.32 2.18 36.41
CA GLU B 141 -7.17 1.00 36.42
C GLU B 141 -8.65 1.36 36.60
N SER B 142 -8.89 2.54 37.14
CA SER B 142 -10.24 3.06 37.32
C SER B 142 -10.87 3.46 35.97
N ILE B 143 -10.02 3.61 34.96
CA ILE B 143 -10.52 4.06 33.63
C ILE B 143 -10.73 2.82 32.76
N GLU B 144 -11.99 2.60 32.46
CA GLU B 144 -12.45 1.47 31.66
C GLU B 144 -12.00 1.59 30.21
N MET B 145 -11.42 0.54 29.68
CA MET B 145 -11.06 0.42 28.28
C MET B 145 -10.92 -0.96 27.66
N ASP B 146 -11.11 -0.93 26.31
CA ASP B 146 -11.08 -2.15 25.50
C ASP B 146 -10.22 -2.14 24.25
N THR B 147 -9.51 -1.08 24.03
CA THR B 147 -8.70 -0.84 22.81
C THR B 147 -7.36 -0.29 23.24
N PHE B 148 -6.30 -0.86 22.71
CA PHE B 148 -4.92 -0.52 23.12
C PHE B 148 -3.98 -0.51 21.90
N LEU B 149 -2.91 0.26 22.05
CA LEU B 149 -1.86 0.27 21.02
C LEU B 149 -0.95 -0.96 21.29
N LYS B 150 -0.53 -1.55 20.23
CA LYS B 150 0.40 -2.69 20.20
C LYS B 150 1.61 -2.22 19.37
N PHE B 151 2.36 -1.31 19.98
CA PHE B 151 3.54 -0.75 19.32
C PHE B 151 4.84 -1.28 19.97
N PRO B 152 5.80 -1.61 19.13
CA PRO B 152 7.12 -2.09 19.58
C PRO B 152 8.00 -0.88 19.88
N LEU B 153 7.62 -0.17 20.97
CA LEU B 153 8.30 1.04 21.39
C LEU B 153 9.79 0.87 21.62
N GLU B 154 10.23 -0.36 21.79
CA GLU B 154 11.65 -0.68 21.92
C GLU B 154 12.41 -0.39 20.61
N SER B 155 11.69 -0.33 19.54
CA SER B 155 12.19 -0.05 18.17
C SER B 155 12.08 1.42 17.79
N TRP B 156 11.66 2.24 18.70
CA TRP B 156 11.47 3.68 18.51
C TRP B 156 12.25 4.43 19.59
N THR B 157 12.63 5.66 19.34
CA THR B 157 13.33 6.54 20.23
C THR B 157 12.50 7.80 20.50
N LYS B 158 12.34 8.05 21.79
CA LYS B 158 11.62 9.32 22.16
C LYS B 158 12.60 10.45 21.98
N GLN B 159 12.29 11.46 21.18
CA GLN B 159 13.15 12.60 20.94
C GLN B 159 12.96 13.69 22.02
N PRO B 160 13.97 14.60 22.09
CA PRO B 160 13.93 15.72 23.05
C PRO B 160 12.80 16.64 22.61
N LYS B 161 12.34 17.45 23.53
CA LYS B 161 11.22 18.40 23.25
C LYS B 161 11.61 19.34 22.11
N SER B 162 12.87 19.67 21.99
CA SER B 162 13.37 20.53 20.94
C SER B 162 13.01 20.02 19.52
N GLU B 163 13.07 18.73 19.33
CA GLU B 163 12.71 18.13 18.01
C GLU B 163 11.24 18.15 17.75
N LEU B 164 10.48 18.01 18.87
CA LEU B 164 9.02 18.15 18.71
C LEU B 164 8.71 19.61 18.38
N GLN B 165 9.34 20.57 19.00
CA GLN B 165 9.06 22.01 18.72
C GLN B 165 9.36 22.33 17.25
N LYS B 166 10.39 21.73 16.70
CA LYS B 166 10.73 21.91 15.29
C LYS B 166 9.59 21.39 14.40
N PHE B 167 9.11 20.22 14.78
CA PHE B 167 8.00 19.61 13.96
C PHE B 167 6.76 20.47 13.95
N VAL B 168 6.36 21.02 15.07
CA VAL B 168 5.07 21.74 15.19
C VAL B 168 5.18 23.24 14.92
N GLY B 169 6.36 23.71 14.64
CA GLY B 169 6.55 25.14 14.33
C GLY B 169 6.31 26.05 15.55
N ASP B 170 5.30 26.89 15.36
CA ASP B 170 4.92 27.93 16.32
C ASP B 170 4.02 27.49 17.45
N THR B 171 3.50 26.27 17.37
CA THR B 171 2.59 25.73 18.35
C THR B 171 3.22 25.73 19.74
N VAL B 172 2.47 26.20 20.68
CA VAL B 172 2.94 26.26 22.09
C VAL B 172 2.80 24.89 22.75
N LEU B 173 3.93 24.47 23.30
CA LEU B 173 3.97 23.17 24.01
C LEU B 173 4.20 23.32 25.50
N GLU B 174 3.11 23.20 26.26
CA GLU B 174 3.24 23.25 27.74
C GLU B 174 3.58 21.86 28.29
N ASP B 175 4.35 21.87 29.36
CA ASP B 175 4.74 20.59 30.03
C ASP B 175 3.65 20.27 31.09
N ASP B 176 3.51 18.99 31.38
CA ASP B 176 2.67 18.47 32.46
C ASP B 176 1.38 19.20 32.62
N ILE B 177 0.58 19.16 31.51
CA ILE B 177 -0.74 19.78 31.48
C ILE B 177 -1.72 19.00 32.35
N LYS B 178 -2.42 19.75 33.22
CA LYS B 178 -3.47 19.12 34.06
C LYS B 178 -4.83 19.51 33.53
N GLU B 179 -5.73 18.55 33.48
CA GLU B 179 -7.14 18.68 33.20
C GLU B 179 -7.87 17.71 34.10
N GLY B 180 -8.53 18.19 35.15
CA GLY B 180 -9.22 17.18 36.09
C GLY B 180 -8.10 16.32 36.74
N ASP B 181 -8.28 15.02 36.71
CA ASP B 181 -7.23 14.14 37.31
C ASP B 181 -6.17 13.71 36.31
N PHE B 182 -6.33 14.21 35.06
CA PHE B 182 -5.30 13.82 34.04
C PHE B 182 -4.12 14.80 34.02
N THR B 183 -2.94 14.22 33.75
CA THR B 183 -1.70 15.05 33.55
C THR B 183 -1.10 14.52 32.24
N TYR B 184 -0.68 15.39 31.30
CA TYR B 184 -0.17 14.81 30.03
C TYR B 184 0.89 15.70 29.41
N ASN B 185 1.63 15.04 28.51
CA ASN B 185 2.74 15.64 27.79
C ASN B 185 2.64 15.16 26.30
N TYR B 186 3.11 16.08 25.48
CA TYR B 186 3.24 15.73 24.00
C TYR B 186 4.62 15.20 23.73
N THR B 187 4.75 14.16 22.93
CA THR B 187 6.12 13.56 22.67
C THR B 187 6.24 13.22 21.18
N LEU B 188 7.46 13.16 20.72
CA LEU B 188 7.77 12.80 19.30
C LEU B 188 8.78 11.62 19.35
N TRP B 189 8.57 10.62 18.53
CA TRP B 189 9.41 9.40 18.49
C TRP B 189 9.89 9.15 17.06
N THR B 190 11.06 8.68 16.85
CA THR B 190 11.59 8.31 15.52
C THR B 190 12.09 6.87 15.59
N ARG B 191 12.29 6.23 14.45
CA ARG B 191 12.72 4.82 14.43
C ARG B 191 14.15 4.62 14.90
N LYS B 192 14.37 3.50 15.58
CA LYS B 192 15.75 3.19 16.02
C LYS B 192 16.44 2.48 14.81
PA NDP C . 8.42 -4.89 -23.65
O1A NDP C . 7.40 -6.00 -23.74
O2A NDP C . 8.71 -4.40 -22.30
O5B NDP C . 7.97 -3.72 -24.63
C5B NDP C . 8.70 -2.44 -24.61
C4B NDP C . 7.84 -1.40 -25.34
O4B NDP C . 6.73 -1.02 -24.47
C3B NDP C . 8.62 -0.10 -25.65
O3B NDP C . 9.19 -0.24 -26.98
C2B NDP C . 7.43 0.94 -25.63
O2B NDP C . 6.60 0.83 -26.81
C1B NDP C . 6.58 0.35 -24.52
N9A NDP C . 6.87 0.93 -23.27
C8A NDP C . 7.93 0.61 -22.46
N7A NDP C . 7.91 1.30 -21.35
C5A NDP C . 6.80 2.10 -21.47
C6A NDP C . 6.25 3.02 -20.56
N6A NDP C . 6.86 3.29 -19.41
N1A NDP C . 5.13 3.66 -20.97
C2A NDP C . 4.59 3.36 -22.21
N3A NDP C . 5.00 2.48 -23.10
C4A NDP C . 6.13 1.85 -22.63
O3 NDP C . 9.75 -5.40 -24.28
PN NDP C . 11.26 -5.84 -23.93
O1N NDP C . 11.92 -6.06 -25.24
O2N NDP C . 12.01 -4.98 -23.01
O5D NDP C . 11.02 -7.28 -23.26
C5D NDP C . 10.78 -8.49 -24.05
C4D NDP C . 11.67 -9.53 -23.26
O4D NDP C . 10.95 -9.80 -22.04
C3D NDP C . 11.77 -10.88 -24.01
O3D NDP C . 13.03 -11.49 -23.74
C2D NDP C . 10.56 -11.60 -23.37
O2D NDP C . 10.57 -12.98 -23.66
C1D NDP C . 10.68 -11.19 -21.93
N1N NDP C . 9.54 -11.45 -21.05
C2N NDP C . 9.85 -12.34 -19.97
C3N NDP C . 8.86 -12.72 -19.12
C7N NDP C . 9.19 -13.69 -17.92
O7N NDP C . 8.34 -13.90 -17.09
N7N NDP C . 10.45 -14.21 -17.87
C4N NDP C . 7.46 -12.27 -19.18
C5N NDP C . 7.31 -11.43 -20.31
C6N NDP C . 8.23 -11.03 -21.21
P2B NDP C . 6.98 1.76 -28.14
O1X NDP C . 5.83 1.34 -29.05
O2X NDP C . 6.82 3.13 -27.58
O3X NDP C . 8.34 1.43 -28.51
C1 MQU D . 4.15 -15.70 -22.77
C2 MQU D . 2.79 -15.49 -23.47
O8 MQU D . 1.92 -16.26 -22.73
C14 MQU D . 0.59 -15.88 -22.68
C5 MQU D . 5.31 -15.02 -23.50
O11 MQU D . 4.75 -14.04 -24.38
C18 MQU D . 5.10 -14.36 -25.73
N22 MQU D . 5.03 -16.68 -16.25
N23 MQU D . 4.90 -14.46 -15.53
N24 MQU D . 3.99 -15.11 -21.48
N25 MQU D . 5.24 -16.20 -14.01
N26 MQU D . 4.59 -12.70 -16.97
C27 MQU D . 4.75 -16.32 -17.59
C28 MQU D . 5.05 -15.76 -15.28
C29 MQU D . 4.71 -14.04 -16.78
C30 MQU D . 4.61 -14.93 -17.91
C31 MQU D . 4.32 -14.62 -19.26
C32 MQU D . 4.11 -13.33 -19.99
C33 MQU D . 3.93 -13.77 -21.33
C34 MQU D . 4.28 -15.67 -20.24
C35 MQU D . 4.44 -17.00 -19.86
C36 MQU D . 4.87 -17.28 -18.61
PA NDP E . -10.98 1.96 13.23
O1A NDP E . -11.36 3.38 13.38
O2A NDP E . -9.61 1.62 13.18
O5B NDP E . -11.84 1.41 12.00
C5B NDP E . -11.62 0.03 11.57
C4B NDP E . -12.36 -0.14 10.23
O4B NDP E . -11.47 0.39 9.22
C3B NDP E . -12.47 -1.65 9.84
O3B NDP E . -13.66 -2.22 10.46
C2B NDP E . -12.63 -1.44 8.29
O2B NDP E . -13.89 -0.86 7.81
C1B NDP E . -11.54 -0.37 8.09
N9A NDP E . -10.28 -0.94 7.78
C8A NDP E . -9.30 -1.36 8.64
N7A NDP E . -8.28 -1.87 7.99
C5A NDP E . -8.59 -1.73 6.64
C6A NDP E . -7.85 -2.06 5.50
N6A NDP E . -6.63 -2.61 5.44
N1A NDP E . -8.44 -1.75 4.27
C2A NDP E . -9.67 -1.20 4.31
N3A NDP E . -10.40 -0.83 5.35
C4A NDP E . -9.79 -1.11 6.51
O3 NDP E . -11.76 1.19 14.42
PN NDP E . -11.23 0.47 15.80
O1N NDP E . -12.46 -0.12 16.41
O2N NDP E . -10.16 -0.45 15.58
O5D NDP E . -10.78 1.71 16.68
C5D NDP E . -11.80 2.62 17.19
C4D NDP E . -11.43 3.10 18.56
O4D NDP E . -10.20 3.89 18.52
C3D NDP E . -12.47 3.92 19.33
O3D NDP E . -12.49 3.49 20.71
C2D NDP E . -11.93 5.33 19.10
O2D NDP E . -12.43 6.29 20.01
C1D NDP E . -10.43 5.07 19.28
N1N NDP E . -9.54 6.13 18.79
C2N NDP E . -8.63 6.65 19.73
C3N NDP E . -7.88 7.76 19.34
C7N NDP E . -6.85 8.29 20.40
O7N NDP E . -6.04 9.09 20.05
N7N NDP E . -6.96 7.79 21.66
C4N NDP E . -7.80 8.21 18.02
C5N NDP E . -8.78 7.63 17.15
C6N NDP E . -9.64 6.61 17.45
P2B NDP E . -15.09 -1.89 7.37
O1X NDP E . -16.16 -0.93 6.88
O2X NDP E . -14.55 -2.85 6.46
O3X NDP E . -15.45 -2.55 8.67
C1 MQU F . -11.69 13.26 17.38
C2 MQU F . -12.01 13.80 16.00
O8 MQU F . -11.71 15.18 16.01
C14 MQU F . -12.84 15.88 16.52
C5 MQU F . -12.77 12.29 17.89
O11 MQU F . -12.89 11.32 16.86
C18 MQU F . -13.68 10.22 17.27
N22 MQU F . -5.68 13.46 19.84
N23 MQU F . -4.58 12.06 18.29
N24 MQU F . -10.48 12.49 17.28
N25 MQU F . -3.40 13.16 19.93
N26 MQU F . -5.65 10.82 16.64
C27 MQU F . -6.93 13.21 19.21
C28 MQU F . -4.56 12.83 19.35
C29 MQU F . -5.74 11.74 17.71
C30 MQU F . -6.98 12.31 18.12
C31 MQU F . -8.26 12.13 17.49
C32 MQU F . -8.75 11.33 16.36
C33 MQU F . -10.13 11.62 16.33
C34 MQU F . -9.35 12.86 18.04
C35 MQU F . -9.27 13.70 19.09
C36 MQU F . -8.08 13.78 19.81
#